data_4KH8
#
_entry.id   4KH8
#
_cell.length_a   99.745
_cell.length_b   99.745
_cell.length_c   56.956
_cell.angle_alpha   90.000
_cell.angle_beta   90.000
_cell.angle_gamma   120.000
#
_symmetry.space_group_name_H-M   'P 65'
#
loop_
_entity.id
_entity.type
_entity.pdbx_description
1 polymer 'hypothetical protein'
2 non-polymer 'UNKNOWN LIGAND'
3 non-polymer 'SULFATE ION'
4 water water
#
_entity_poly.entity_id   1
_entity_poly.type   'polypeptide(L)'
_entity_poly.pdbx_seq_one_letter_code
;GYVPQSVDNPNNLGDLPEYLRSVGIRQDEGLSEKDWAGTRVYDRNGNDLTDENQNLLHAIKFDATTSFYEFFDKETGEST
GDEGTFF(MSE)TAGITDVSRLVIISETKNYQGVYPLRTLYQDTFTYRQ(MSE)GKDKNGNDIEVFVENKATSGPVYGRP
QPYPNNRPRTLEFTNGRRA(MSE)TEQTGQIDVNRQGDEIIGKTSFDGTPQLLWNGTKVVDKDGNDVTSANQNFISLAKF
DQDSSKYEFFNLQTGETRGDYGYFKVGNQNKFRAHVSIGTNRYGAVLELTELNDNRFTYTR(MSE)GKDNEGNDIQVYVE
HEPYQGTFNPEFTF
;
_entity_poly.pdbx_strand_id   A
#
loop_
_chem_comp.id
_chem_comp.type
_chem_comp.name
_chem_comp.formula
SO4 non-polymer 'SULFATE ION' 'O4 S -2'
UNL non-polymer 'UNKNOWN LIGAND' ?
#
# COMPACT_ATOMS: atom_id res chain seq x y z
N ASP A 8 -11.14 14.06 -14.02
CA ASP A 8 -10.55 13.22 -15.12
C ASP A 8 -9.91 11.93 -14.55
N ASN A 9 -8.69 12.01 -14.00
CA ASN A 9 -8.09 10.85 -13.27
C ASN A 9 -8.21 11.08 -11.77
N PRO A 10 -9.15 10.40 -11.12
CA PRO A 10 -9.47 10.72 -9.72
C PRO A 10 -8.32 10.37 -8.78
N ASN A 11 -7.45 9.46 -9.20
CA ASN A 11 -6.30 9.08 -8.41
C ASN A 11 -5.20 10.11 -8.40
N ASN A 12 -5.26 11.05 -9.36
CA ASN A 12 -4.21 12.05 -9.49
C ASN A 12 -4.70 13.29 -8.79
N LEU A 13 -4.47 13.32 -7.49
CA LEU A 13 -4.94 14.40 -6.64
C LEU A 13 -4.03 15.58 -6.91
N GLY A 14 -4.61 16.68 -7.29
CA GLY A 14 -3.74 17.79 -7.68
C GLY A 14 -3.41 17.86 -9.15
N ASP A 15 -3.83 16.87 -9.91
CA ASP A 15 -3.72 16.91 -11.40
C ASP A 15 -2.29 17.16 -11.82
N LEU A 16 -1.37 16.43 -11.22
CA LEU A 16 0.03 16.58 -11.54
C LEU A 16 0.37 16.00 -12.92
N PRO A 17 1.23 16.67 -13.68
CA PRO A 17 1.84 16.04 -14.88
C PRO A 17 2.58 14.79 -14.43
N GLU A 18 2.62 13.80 -15.31
CA GLU A 18 3.20 12.53 -14.96
C GLU A 18 4.64 12.68 -14.41
N TYR A 19 5.43 13.60 -14.95
CA TYR A 19 6.85 13.68 -14.58
C TYR A 19 7.07 14.04 -13.14
N LEU A 20 6.04 14.60 -12.51
CA LEU A 20 6.08 14.98 -11.10
C LEU A 20 5.54 13.94 -10.12
N ARG A 21 5.05 12.82 -10.65
CA ARG A 21 4.42 11.81 -9.86
C ARG A 21 5.42 10.72 -9.47
N SER A 22 5.09 9.95 -8.42
CA SER A 22 6.01 8.86 -8.06
C SER A 22 5.96 7.80 -9.16
N VAL A 23 7.01 6.99 -9.27
CA VAL A 23 6.98 5.86 -10.23
C VAL A 23 5.85 4.93 -9.78
N GLY A 24 5.74 4.68 -8.47
CA GLY A 24 4.81 3.63 -8.02
C GLY A 24 3.38 3.95 -8.32
N ILE A 25 2.95 5.20 -8.17
CA ILE A 25 1.54 5.48 -8.42
C ILE A 25 1.17 5.32 -9.89
N ARG A 26 2.12 5.64 -10.74
CA ARG A 26 1.98 5.42 -12.20
C ARG A 26 1.95 3.93 -12.51
N GLN A 27 2.77 3.17 -11.82
CA GLN A 27 2.72 1.72 -11.97
C GLN A 27 1.40 1.15 -11.49
N ASP A 28 0.90 1.65 -10.35
CA ASP A 28 -0.41 1.18 -9.86
C ASP A 28 -1.47 1.40 -10.97
N GLU A 29 -1.43 2.55 -11.62
CA GLU A 29 -2.39 2.89 -12.67
C GLU A 29 -2.22 1.96 -13.86
N GLY A 30 -0.97 1.69 -14.23
CA GLY A 30 -0.68 0.71 -15.30
C GLY A 30 -1.28 -0.66 -14.97
N LEU A 31 -1.06 -1.11 -13.73
CA LEU A 31 -1.60 -2.39 -13.30
C LEU A 31 -3.14 -2.44 -13.36
N SER A 32 -3.75 -1.29 -13.13
CA SER A 32 -5.20 -1.21 -13.13
C SER A 32 -5.85 -1.28 -14.51
N GLU A 33 -5.06 -1.22 -15.56
CA GLU A 33 -5.62 -1.21 -16.91
C GLU A 33 -5.98 -2.56 -17.45
N LYS A 34 -5.44 -3.62 -16.83
CA LYS A 34 -5.51 -4.96 -17.38
C LYS A 34 -5.86 -5.99 -16.34
N ASP A 35 -6.58 -7.04 -16.76
CA ASP A 35 -6.66 -8.23 -15.96
C ASP A 35 -5.36 -9.01 -16.08
N TRP A 36 -4.90 -9.61 -14.97
CA TRP A 36 -3.62 -10.35 -14.93
C TRP A 36 -3.83 -11.78 -14.54
N ALA A 37 -2.99 -12.67 -15.06
CA ALA A 37 -2.97 -14.02 -14.57
C ALA A 37 -1.55 -14.57 -14.51
N GLY A 38 -1.21 -15.18 -13.39
CA GLY A 38 0.07 -15.87 -13.22
C GLY A 38 0.22 -16.99 -14.23
N THR A 39 1.37 -17.01 -14.91
CA THR A 39 1.57 -17.92 -16.04
CA THR A 39 1.56 -17.91 -16.03
C THR A 39 2.81 -18.79 -15.88
N ARG A 40 3.88 -18.23 -15.33
CA ARG A 40 5.16 -18.98 -15.19
C ARG A 40 5.89 -18.55 -13.93
N VAL A 41 6.69 -19.48 -13.39
CA VAL A 41 7.56 -19.22 -12.27
C VAL A 41 8.96 -19.67 -12.66
N TYR A 42 9.98 -18.84 -12.36
CA TYR A 42 11.39 -19.13 -12.73
C TYR A 42 12.30 -18.87 -11.57
N ASP A 43 13.45 -19.57 -11.51
CA ASP A 43 14.50 -19.14 -10.59
C ASP A 43 15.29 -17.96 -11.19
N ARG A 44 16.26 -17.43 -10.48
CA ARG A 44 16.99 -16.23 -10.95
C ARG A 44 17.77 -16.46 -12.25
N ASN A 45 18.23 -17.68 -12.48
CA ASN A 45 18.93 -18.02 -13.71
C ASN A 45 17.97 -18.08 -14.88
N GLY A 46 16.68 -18.30 -14.62
CA GLY A 46 15.72 -18.51 -15.71
C GLY A 46 15.20 -19.91 -15.91
N ASN A 47 15.53 -20.80 -15.00
CA ASN A 47 15.01 -22.17 -15.06
C ASN A 47 13.55 -22.22 -14.65
N ASP A 48 12.76 -22.97 -15.41
CA ASP A 48 11.31 -23.03 -15.26
C ASP A 48 10.91 -23.90 -14.05
N LEU A 49 10.22 -23.31 -13.10
CA LEU A 49 9.75 -23.96 -11.86
C LEU A 49 8.23 -23.79 -11.67
N THR A 50 7.54 -23.64 -12.79
CA THR A 50 6.11 -23.41 -12.80
C THR A 50 5.33 -24.59 -12.16
N ASP A 51 5.66 -25.82 -12.54
CA ASP A 51 4.98 -26.99 -11.96
C ASP A 51 5.07 -27.09 -10.45
N GLU A 52 6.21 -26.65 -9.91
CA GLU A 52 6.50 -26.71 -8.48
C GLU A 52 5.97 -25.53 -7.68
N ASN A 53 5.31 -24.56 -8.34
CA ASN A 53 4.85 -23.31 -7.70
C ASN A 53 3.50 -22.86 -8.23
N GLN A 54 2.64 -23.83 -8.56
CA GLN A 54 1.30 -23.50 -9.04
C GLN A 54 0.54 -22.65 -8.04
N ASN A 55 0.82 -22.81 -6.74
CA ASN A 55 0.10 -22.03 -5.78
C ASN A 55 0.43 -20.53 -5.74
N LEU A 56 1.44 -20.10 -6.53
CA LEU A 56 1.77 -18.71 -6.65
C LEU A 56 0.99 -18.01 -7.76
N LEU A 57 0.26 -18.79 -8.54
CA LEU A 57 -0.36 -18.29 -9.80
C LEU A 57 -1.85 -18.08 -9.61
N HIS A 58 -2.30 -16.85 -9.77
CA HIS A 58 -3.73 -16.56 -9.74
C HIS A 58 -4.05 -15.44 -10.71
N ALA A 59 -5.33 -15.17 -10.85
CA ALA A 59 -5.78 -14.04 -11.65
C ALA A 59 -5.89 -12.87 -10.67
N ILE A 60 -5.62 -11.67 -11.17
CA ILE A 60 -5.60 -10.46 -10.32
C ILE A 60 -6.29 -9.29 -10.98
N LYS A 61 -7.10 -8.56 -10.20
CA LYS A 61 -7.57 -7.24 -10.59
C LYS A 61 -7.08 -6.25 -9.58
N PHE A 62 -6.55 -5.14 -10.10
CA PHE A 62 -6.05 -4.04 -9.27
C PHE A 62 -6.85 -2.79 -9.62
N ASP A 63 -7.11 -1.95 -8.60
CA ASP A 63 -7.68 -0.62 -8.81
C ASP A 63 -6.86 0.40 -8.07
N ALA A 64 -6.11 1.21 -8.83
CA ALA A 64 -5.25 2.24 -8.28
C ALA A 64 -6.00 3.25 -7.42
N THR A 65 -7.13 3.74 -7.90
CA THR A 65 -7.83 4.84 -7.22
C THR A 65 -8.17 4.47 -5.79
N THR A 66 -8.60 3.22 -5.58
CA THR A 66 -8.96 2.72 -4.25
C THR A 66 -7.85 1.90 -3.58
N SER A 67 -6.73 1.73 -4.29
CA SER A 67 -5.61 0.88 -3.83
C SER A 67 -6.10 -0.48 -3.40
N PHE A 68 -6.93 -1.07 -4.24
CA PHE A 68 -7.64 -2.31 -3.90
C PHE A 68 -7.29 -3.43 -4.86
N TYR A 69 -7.10 -4.63 -4.36
CA TYR A 69 -6.88 -5.80 -5.24
C TYR A 69 -7.78 -6.94 -4.82
N GLU A 70 -7.96 -7.87 -5.74
CA GLU A 70 -8.60 -9.15 -5.41
C GLU A 70 -7.96 -10.21 -6.30
N PHE A 71 -7.84 -11.42 -5.75
CA PHE A 71 -7.36 -12.58 -6.49
C PHE A 71 -8.53 -13.50 -6.86
N PHE A 72 -8.38 -14.13 -8.02
CA PHE A 72 -9.42 -14.95 -8.58
C PHE A 72 -8.81 -16.22 -9.14
N ASP A 73 -9.65 -17.24 -9.29
CA ASP A 73 -9.22 -18.48 -9.87
C ASP A 73 -9.01 -18.28 -11.35
N LYS A 74 -7.85 -18.72 -11.83
CA LYS A 74 -7.51 -18.66 -13.26
CA LYS A 74 -7.54 -18.63 -13.25
C LYS A 74 -8.52 -19.37 -14.16
N GLU A 75 -9.00 -20.54 -13.74
CA GLU A 75 -9.96 -21.36 -14.53
C GLU A 75 -11.29 -20.60 -14.70
N THR A 76 -11.90 -20.24 -13.58
CA THR A 76 -13.28 -19.72 -13.56
C THR A 76 -13.49 -18.23 -13.43
N GLY A 77 -12.47 -17.52 -12.97
CA GLY A 77 -12.63 -16.14 -12.58
C GLY A 77 -13.40 -15.95 -11.27
N GLU A 78 -13.69 -17.05 -10.56
CA GLU A 78 -14.35 -16.94 -9.24
C GLU A 78 -13.35 -16.38 -8.23
N SER A 79 -13.83 -15.56 -7.32
CA SER A 79 -12.94 -15.00 -6.31
C SER A 79 -12.31 -16.11 -5.48
N THR A 80 -11.04 -15.92 -5.06
CA THR A 80 -10.41 -16.77 -4.06
C THR A 80 -10.79 -16.31 -2.65
N GLY A 81 -11.46 -15.17 -2.55
CA GLY A 81 -11.79 -14.60 -1.26
C GLY A 81 -10.68 -13.77 -0.64
N ASP A 82 -9.54 -13.64 -1.33
CA ASP A 82 -8.42 -12.81 -0.90
C ASP A 82 -8.54 -11.45 -1.59
N GLU A 83 -8.82 -10.43 -0.81
CA GLU A 83 -8.89 -9.06 -1.27
C GLU A 83 -8.21 -8.17 -0.26
N GLY A 84 -7.85 -6.97 -0.70
CA GLY A 84 -7.29 -6.03 0.24
C GLY A 84 -6.62 -4.87 -0.44
N THR A 85 -5.59 -4.35 0.22
CA THR A 85 -4.87 -3.19 -0.22
C THR A 85 -3.59 -3.58 -0.92
N PHE A 86 -3.30 -2.90 -2.03
CA PHE A 86 -1.99 -3.04 -2.66
C PHE A 86 -1.42 -1.68 -2.98
N PHE A 87 -0.13 -1.64 -3.11
CA PHE A 87 0.52 -0.49 -3.75
C PHE A 87 1.91 -0.85 -4.18
N MSE A 88 2.37 -0.22 -5.26
CA MSE A 88 3.76 -0.22 -5.59
C MSE A 88 4.41 0.91 -4.84
O MSE A 88 3.91 2.03 -4.77
CB MSE A 88 4.00 0.06 -7.10
CG MSE A 88 3.45 -0.95 -8.04
SE MSE A 88 4.29 -2.69 -7.86
CE MSE A 88 5.99 -2.19 -7.79
N THR A 89 5.53 0.61 -4.20
CA THR A 89 6.32 1.65 -3.49
C THR A 89 6.78 2.72 -4.44
N ALA A 90 7.06 3.87 -3.90
CA ALA A 90 7.21 5.08 -4.70
C ALA A 90 8.25 5.00 -5.80
N GLY A 91 9.40 4.41 -5.48
CA GLY A 91 10.39 4.08 -6.48
C GLY A 91 11.22 5.24 -6.97
N ILE A 92 11.16 6.37 -6.28
CA ILE A 92 11.96 7.54 -6.67
C ILE A 92 13.39 7.49 -6.11
N THR A 93 13.51 7.20 -4.83
CA THR A 93 14.80 7.13 -4.16
C THR A 93 15.11 5.76 -3.62
N ASP A 94 14.28 4.78 -3.97
CA ASP A 94 14.52 3.40 -3.56
C ASP A 94 13.94 2.46 -4.61
N VAL A 95 14.20 1.19 -4.47
CA VAL A 95 13.74 0.22 -5.47
C VAL A 95 12.24 0.03 -5.35
N SER A 96 11.67 -0.45 -6.43
CA SER A 96 10.23 -0.68 -6.53
C SER A 96 9.86 -2.04 -5.94
N ARG A 97 8.83 -2.05 -5.07
CA ARG A 97 8.27 -3.31 -4.51
C ARG A 97 6.74 -3.25 -4.52
N LEU A 98 6.12 -4.37 -4.85
CA LEU A 98 4.70 -4.53 -4.63
C LEU A 98 4.39 -4.89 -3.18
N VAL A 99 3.48 -4.15 -2.56
CA VAL A 99 3.01 -4.43 -1.21
C VAL A 99 1.57 -4.92 -1.30
N ILE A 100 1.30 -6.06 -0.68
CA ILE A 100 -0.01 -6.62 -0.56
C ILE A 100 -0.34 -6.66 0.94
N ILE A 101 -1.47 -6.10 1.32
CA ILE A 101 -1.99 -6.21 2.70
C ILE A 101 -3.38 -6.81 2.56
N SER A 102 -3.50 -8.07 2.88
CA SER A 102 -4.76 -8.73 2.70
C SER A 102 -5.70 -8.36 3.81
N GLU A 103 -6.89 -7.92 3.43
CA GLU A 103 -7.93 -7.53 4.39
C GLU A 103 -8.92 -8.65 4.74
N THR A 104 -8.80 -9.79 4.09
CA THR A 104 -9.60 -10.95 4.38
C THR A 104 -8.82 -12.17 4.77
N LYS A 105 -7.54 -12.26 4.40
CA LYS A 105 -6.74 -13.45 4.65
C LYS A 105 -5.58 -13.22 5.65
N ASN A 106 -5.55 -12.03 6.25
CA ASN A 106 -4.71 -11.79 7.39
C ASN A 106 -3.23 -12.07 7.18
N TYR A 107 -2.67 -11.53 6.10
CA TYR A 107 -1.22 -11.61 5.82
C TYR A 107 -0.81 -10.39 5.02
N GLN A 108 0.50 -10.18 4.96
CA GLN A 108 1.08 -9.13 4.14
C GLN A 108 2.22 -9.70 3.37
N GLY A 109 2.44 -9.14 2.18
CA GLY A 109 3.56 -9.57 1.35
C GLY A 109 4.24 -8.39 0.72
N VAL A 110 5.54 -8.53 0.50
CA VAL A 110 6.38 -7.52 -0.09
C VAL A 110 7.23 -8.19 -1.18
N TYR A 111 6.95 -7.83 -2.45
CA TYR A 111 7.47 -8.56 -3.61
C TYR A 111 8.24 -7.58 -4.50
N PRO A 112 9.57 -7.62 -4.46
CA PRO A 112 10.35 -6.75 -5.32
C PRO A 112 9.96 -6.88 -6.80
N LEU A 113 9.79 -5.75 -7.45
CA LEU A 113 9.45 -5.71 -8.88
C LEU A 113 10.58 -6.21 -9.72
N ARG A 114 10.28 -7.06 -10.70
CA ARG A 114 11.27 -7.45 -11.72
C ARG A 114 10.94 -6.83 -13.07
N THR A 115 9.68 -6.88 -13.49
CA THR A 115 9.24 -6.36 -14.78
C THR A 115 7.85 -5.82 -14.70
N LEU A 116 7.63 -4.64 -15.28
CA LEU A 116 6.30 -4.18 -15.61
C LEU A 116 6.35 -3.45 -16.94
N TYR A 117 5.87 -4.13 -17.97
CA TYR A 117 5.96 -3.61 -19.34
C TYR A 117 4.92 -4.30 -20.17
N GLN A 118 4.08 -3.50 -20.82
CA GLN A 118 3.05 -3.97 -21.70
C GLN A 118 2.21 -5.06 -21.00
N ASP A 119 2.22 -6.28 -21.50
CA ASP A 119 1.40 -7.37 -20.94
C ASP A 119 2.10 -8.28 -19.94
N THR A 120 3.20 -7.81 -19.36
CA THR A 120 3.98 -8.57 -18.41
C THR A 120 4.19 -7.84 -17.08
N PHE A 121 3.94 -8.56 -16.00
CA PHE A 121 4.14 -8.08 -14.64
C PHE A 121 4.78 -9.18 -13.85
N THR A 122 6.04 -9.01 -13.51
CA THR A 122 6.80 -10.05 -12.81
C THR A 122 7.39 -9.48 -11.53
N TYR A 123 7.28 -10.24 -10.44
CA TYR A 123 7.86 -9.86 -9.15
C TYR A 123 8.53 -11.08 -8.52
N ARG A 124 9.39 -10.81 -7.52
CA ARG A 124 10.08 -11.81 -6.76
C ARG A 124 9.31 -12.27 -5.50
N GLN A 125 9.28 -13.57 -5.27
CA GLN A 125 8.55 -14.19 -4.15
C GLN A 125 9.29 -15.42 -3.72
N MSE A 126 9.08 -15.87 -2.47
CA MSE A 126 9.64 -17.12 -2.04
C MSE A 126 8.81 -18.25 -2.62
O MSE A 126 7.57 -18.22 -2.59
CB MSE A 126 9.68 -17.25 -0.51
CG MSE A 126 10.60 -16.18 0.11
SE MSE A 126 12.47 -16.38 -0.47
CE MSE A 126 12.83 -18.29 -0.25
N GLY A 127 9.51 -19.21 -3.20
CA GLY A 127 8.86 -20.37 -3.77
C GLY A 127 9.68 -21.61 -3.46
N LYS A 128 9.49 -22.62 -4.28
CA LYS A 128 10.10 -23.95 -4.09
C LYS A 128 10.87 -24.35 -5.33
N ASP A 129 12.05 -24.96 -5.14
CA ASP A 129 12.78 -25.54 -6.27
C ASP A 129 12.33 -27.01 -6.44
N LYS A 130 13.02 -27.74 -7.29
CA LYS A 130 12.71 -29.17 -7.57
C LYS A 130 12.71 -30.09 -6.35
N ASN A 131 13.44 -29.73 -5.30
CA ASN A 131 13.63 -30.56 -4.12
C ASN A 131 12.86 -30.12 -2.88
N GLY A 132 11.96 -29.15 -3.05
CA GLY A 132 11.19 -28.63 -1.94
C GLY A 132 11.96 -27.65 -1.09
N ASN A 133 13.13 -27.21 -1.57
CA ASN A 133 13.92 -26.20 -0.84
C ASN A 133 13.35 -24.79 -1.11
N ASP A 134 13.34 -23.96 -0.07
CA ASP A 134 12.87 -22.58 -0.22
C ASP A 134 13.87 -21.75 -1.04
N ILE A 135 13.41 -21.13 -2.13
CA ILE A 135 14.30 -20.30 -2.94
C ILE A 135 13.50 -19.12 -3.42
N GLU A 136 14.23 -18.04 -3.74
CA GLU A 136 13.64 -16.90 -4.44
C GLU A 136 13.24 -17.30 -5.83
N VAL A 137 12.05 -16.92 -6.23
CA VAL A 137 11.59 -17.18 -7.59
C VAL A 137 11.00 -15.89 -8.14
N PHE A 138 10.85 -15.84 -9.46
CA PHE A 138 10.17 -14.78 -10.16
C PHE A 138 8.85 -15.32 -10.68
N VAL A 139 7.79 -14.62 -10.33
CA VAL A 139 6.44 -15.00 -10.69
C VAL A 139 5.98 -14.08 -11.82
N GLU A 140 5.82 -14.66 -13.01
CA GLU A 140 5.45 -13.92 -14.18
C GLU A 140 3.94 -13.95 -14.37
N ASN A 141 3.34 -12.77 -14.41
CA ASN A 141 1.92 -12.62 -14.70
C ASN A 141 1.79 -12.07 -16.11
N LYS A 142 0.81 -12.55 -16.87
CA LYS A 142 0.54 -11.99 -18.19
C LYS A 142 -0.82 -11.38 -18.21
N ALA A 143 -0.98 -10.35 -19.00
CA ALA A 143 -2.34 -9.76 -19.13
C ALA A 143 -3.25 -10.70 -19.88
N THR A 144 -4.52 -10.78 -19.45
CA THR A 144 -5.47 -11.61 -20.13
C THR A 144 -6.49 -10.72 -20.84
N SER A 145 -6.30 -9.41 -20.73
CA SER A 145 -7.15 -8.43 -21.42
C SER A 145 -6.23 -7.41 -22.07
N GLY A 146 -6.80 -6.58 -22.91
CA GLY A 146 -6.03 -5.51 -23.56
C GLY A 146 -5.46 -5.90 -24.90
N PRO A 147 -4.51 -5.10 -25.38
CA PRO A 147 -3.90 -5.36 -26.68
C PRO A 147 -3.09 -6.63 -26.76
N VAL A 148 -2.92 -7.08 -27.99
CA VAL A 148 -2.04 -8.18 -28.40
C VAL A 148 -0.55 -7.82 -28.29
N TYR A 149 -0.22 -6.56 -28.46
CA TYR A 149 1.19 -6.09 -28.53
C TYR A 149 2.05 -6.80 -29.58
N GLY A 150 1.51 -6.94 -30.75
CA GLY A 150 2.29 -7.38 -31.90
C GLY A 150 2.50 -6.26 -32.91
N ARG A 151 2.28 -6.56 -34.17
CA ARG A 151 2.54 -5.59 -35.22
C ARG A 151 1.53 -4.42 -35.17
N PRO A 152 1.86 -3.31 -35.83
CA PRO A 152 0.94 -2.19 -35.79
C PRO A 152 -0.43 -2.47 -36.36
N GLN A 153 -1.44 -1.85 -35.74
CA GLN A 153 -2.83 -2.00 -36.19
C GLN A 153 -3.53 -0.65 -36.19
N PRO A 154 -3.98 -0.20 -37.37
CA PRO A 154 -4.83 1.01 -37.32
C PRO A 154 -6.15 0.77 -36.58
N TYR A 155 -6.65 -0.48 -36.58
CA TYR A 155 -7.95 -0.82 -36.00
C TYR A 155 -7.83 -2.05 -35.06
N PRO A 156 -7.16 -1.88 -33.95
CA PRO A 156 -6.81 -3.06 -33.11
C PRO A 156 -7.98 -3.76 -32.50
N ASN A 157 -7.85 -5.08 -32.40
CA ASN A 157 -8.86 -5.92 -31.78
C ASN A 157 -8.34 -6.28 -30.38
N ASN A 158 -8.75 -5.49 -29.39
CA ASN A 158 -8.28 -5.63 -28.03
C ASN A 158 -9.18 -6.59 -27.25
N ARG A 159 -8.58 -7.43 -26.40
CA ARG A 159 -9.36 -8.33 -25.55
C ARG A 159 -10.10 -7.57 -24.49
N PRO A 160 -11.40 -7.85 -24.34
CA PRO A 160 -12.14 -7.17 -23.29
C PRO A 160 -11.72 -7.64 -21.88
N ARG A 161 -11.97 -6.80 -20.91
CA ARG A 161 -11.81 -7.17 -19.51
C ARG A 161 -12.98 -8.05 -19.06
N THR A 162 -12.69 -8.93 -18.11
CA THR A 162 -13.75 -9.78 -17.57
CA THR A 162 -13.67 -9.89 -17.60
C THR A 162 -13.79 -9.85 -16.06
N LEU A 163 -12.66 -9.73 -15.37
CA LEU A 163 -12.70 -9.80 -13.93
C LEU A 163 -13.55 -8.68 -13.33
N GLU A 164 -14.24 -8.93 -12.21
CA GLU A 164 -15.00 -7.90 -11.51
C GLU A 164 -14.75 -8.16 -10.02
N PHE A 165 -14.56 -7.11 -9.26
CA PHE A 165 -14.48 -7.25 -7.82
C PHE A 165 -15.80 -7.76 -7.21
N THR A 166 -15.68 -8.58 -6.21
CA THR A 166 -16.86 -9.02 -5.43
C THR A 166 -17.49 -7.85 -4.75
N ASN A 167 -16.67 -7.10 -4.01
CA ASN A 167 -17.16 -5.98 -3.18
C ASN A 167 -16.45 -4.65 -3.46
N GLY A 168 -15.16 -4.70 -3.67
CA GLY A 168 -14.37 -3.48 -3.76
C GLY A 168 -14.18 -2.84 -2.40
N ARG A 169 -13.52 -1.70 -2.42
CA ARG A 169 -13.27 -0.90 -1.22
C ARG A 169 -14.60 -0.34 -0.68
N ARG A 170 -14.76 -0.43 0.63
CA ARG A 170 -15.93 0.13 1.28
C ARG A 170 -15.96 1.64 1.20
N ALA A 171 -17.14 2.22 1.39
CA ALA A 171 -17.19 3.69 1.41
C ALA A 171 -16.68 4.18 2.78
N MSE A 172 -15.74 5.11 2.75
CA MSE A 172 -15.10 5.66 3.96
C MSE A 172 -15.61 7.08 4.13
O MSE A 172 -15.41 7.94 3.28
CB MSE A 172 -13.60 5.63 3.78
CG MSE A 172 -13.14 4.18 3.76
SE MSE A 172 -11.17 4.08 3.62
CE MSE A 172 -10.97 2.16 3.93
N THR A 173 -16.30 7.30 5.23
CA THR A 173 -16.98 8.58 5.47
C THR A 173 -16.73 9.17 6.84
N GLU A 174 -15.85 8.59 7.66
CA GLU A 174 -15.58 9.09 9.01
C GLU A 174 -14.71 10.35 8.95
N GLN A 175 -15.16 11.43 9.56
CA GLN A 175 -14.43 12.69 9.42
C GLN A 175 -14.45 13.47 10.72
N THR A 176 -13.30 13.95 11.13
CA THR A 176 -13.13 14.74 12.38
C THR A 176 -12.55 16.11 12.12
N GLY A 177 -12.11 16.34 10.89
CA GLY A 177 -11.50 17.61 10.51
C GLY A 177 -11.28 17.65 9.01
N GLN A 178 -10.66 18.69 8.51
CA GLN A 178 -10.48 18.83 7.05
CA GLN A 178 -10.46 18.83 7.06
C GLN A 178 -9.59 17.73 6.50
N ILE A 179 -9.97 17.20 5.33
CA ILE A 179 -9.19 16.20 4.63
C ILE A 179 -8.80 16.79 3.26
N ASP A 180 -7.51 17.06 3.09
CA ASP A 180 -6.95 17.65 1.88
C ASP A 180 -7.04 16.63 0.77
N VAL A 181 -7.62 17.01 -0.37
CA VAL A 181 -7.75 16.11 -1.54
C VAL A 181 -7.08 16.70 -2.78
N ASN A 182 -6.24 17.74 -2.60
CA ASN A 182 -5.57 18.40 -3.75
C ASN A 182 -4.09 18.06 -3.81
N ARG A 183 -3.55 17.33 -2.85
CA ARG A 183 -2.22 16.80 -2.90
C ARG A 183 -2.30 15.32 -2.47
N GLN A 184 -1.35 14.50 -2.94
CA GLN A 184 -1.29 13.12 -2.45
C GLN A 184 -1.00 13.13 -0.96
N GLY A 185 -1.68 12.26 -0.22
CA GLY A 185 -1.43 12.16 1.21
C GLY A 185 0.00 11.78 1.54
N ASP A 186 0.65 11.02 0.67
CA ASP A 186 2.08 10.74 0.92
C ASP A 186 2.93 12.01 0.97
N GLU A 187 2.60 13.01 0.12
CA GLU A 187 3.30 14.26 0.14
C GLU A 187 2.98 15.03 1.43
N ILE A 188 1.71 15.02 1.84
CA ILE A 188 1.29 15.75 3.03
C ILE A 188 2.02 15.24 4.28
N ILE A 189 2.13 13.93 4.45
CA ILE A 189 2.80 13.39 5.64
C ILE A 189 4.28 13.06 5.43
N GLY A 190 4.70 12.89 4.17
CA GLY A 190 6.04 12.41 3.86
C GLY A 190 6.83 13.25 2.89
N LYS A 191 6.52 14.55 2.84
CA LYS A 191 7.19 15.48 1.93
C LYS A 191 8.70 15.31 1.92
N THR A 192 9.27 15.29 0.70
CA THR A 192 10.71 15.37 0.53
C THR A 192 11.08 16.67 -0.20
N SER A 193 12.35 17.02 -0.07
CA SER A 193 12.93 18.09 -0.85
C SER A 193 13.22 17.61 -2.29
N PHE A 194 13.68 18.54 -3.13
CA PHE A 194 13.98 18.16 -4.53
C PHE A 194 14.94 16.98 -4.66
N ASP A 195 15.93 16.88 -3.76
CA ASP A 195 16.90 15.78 -3.78
C ASP A 195 16.49 14.49 -3.06
N GLY A 196 15.26 14.47 -2.56
CA GLY A 196 14.70 13.27 -1.95
C GLY A 196 14.80 13.16 -0.44
N THR A 197 15.32 14.18 0.22
CA THR A 197 15.46 14.16 1.68
C THR A 197 14.12 14.40 2.40
N PRO A 198 13.68 13.42 3.23
CA PRO A 198 12.44 13.68 3.98
C PRO A 198 12.54 14.96 4.82
N GLN A 199 11.47 15.74 4.85
CA GLN A 199 11.43 17.04 5.48
C GLN A 199 10.61 17.09 6.75
N LEU A 200 9.76 16.09 7.00
CA LEU A 200 8.72 16.18 8.04
C LEU A 200 8.88 15.12 9.12
N LEU A 201 8.46 15.45 10.32
CA LEU A 201 8.28 14.50 11.39
C LEU A 201 6.99 14.83 12.09
N TRP A 202 6.31 13.81 12.56
CA TRP A 202 5.03 13.96 13.26
C TRP A 202 5.09 13.26 14.59
N ASN A 203 4.27 13.71 15.54
CA ASN A 203 4.06 12.91 16.72
C ASN A 203 2.58 12.81 17.02
N GLY A 204 2.18 11.65 17.56
CA GLY A 204 0.88 11.51 18.13
C GLY A 204 0.76 12.45 19.29
N THR A 205 -0.35 13.17 19.33
CA THR A 205 -0.54 14.23 20.34
C THR A 205 -1.54 13.77 21.41
N LYS A 206 -2.65 13.19 20.98
CA LYS A 206 -3.65 12.65 21.87
C LYS A 206 -4.47 11.62 21.13
N VAL A 207 -5.14 10.79 21.88
CA VAL A 207 -6.13 9.83 21.40
C VAL A 207 -7.45 10.19 22.06
N VAL A 208 -8.47 10.44 21.23
CA VAL A 208 -9.77 10.83 21.71
C VAL A 208 -10.82 9.80 21.32
N ASP A 209 -11.94 9.83 22.03
CA ASP A 209 -13.11 9.05 21.67
C ASP A 209 -14.00 9.86 20.73
N LYS A 210 -15.13 9.27 20.35
CA LYS A 210 -15.98 9.91 19.34
C LYS A 210 -16.55 11.24 19.78
N ASP A 211 -16.56 11.49 21.07
CA ASP A 211 -17.05 12.77 21.60
C ASP A 211 -15.94 13.75 21.86
N GLY A 212 -14.71 13.42 21.48
CA GLY A 212 -13.59 14.28 21.75
C GLY A 212 -13.00 14.22 23.15
N ASN A 213 -13.45 13.32 23.99
CA ASN A 213 -12.84 13.12 25.28
C ASN A 213 -11.48 12.48 25.16
N ASP A 214 -10.54 12.94 25.96
CA ASP A 214 -9.18 12.44 25.87
C ASP A 214 -9.07 11.07 26.55
N VAL A 215 -8.69 10.04 25.79
CA VAL A 215 -8.47 8.74 26.30
C VAL A 215 -7.04 8.27 26.06
N THR A 216 -6.13 9.23 25.87
CA THR A 216 -4.72 8.90 25.64
C THR A 216 -4.13 8.00 26.69
N SER A 217 -4.52 8.18 27.96
CA SER A 217 -3.98 7.37 29.02
C SER A 217 -4.17 5.87 28.80
N ALA A 218 -5.25 5.52 28.12
CA ALA A 218 -5.62 4.13 27.90
C ALA A 218 -5.11 3.64 26.54
N ASN A 219 -4.46 4.49 25.78
CA ASN A 219 -4.07 4.11 24.41
C ASN A 219 -2.63 4.66 24.14
N GLN A 220 -1.81 4.63 25.17
CA GLN A 220 -0.46 5.30 25.03
C GLN A 220 0.39 4.67 23.94
N ASN A 221 0.22 3.37 23.74
CA ASN A 221 1.07 2.68 22.77
C ASN A 221 0.76 3.02 21.34
N PHE A 222 -0.31 3.79 21.09
CA PHE A 222 -0.59 4.30 19.77
C PHE A 222 0.23 5.57 19.45
N ILE A 223 0.88 6.15 20.43
CA ILE A 223 1.63 7.38 20.29
C ILE A 223 3.06 7.08 19.86
N SER A 224 3.47 7.65 18.72
CA SER A 224 4.83 7.56 18.21
C SER A 224 5.33 8.91 17.73
N LEU A 225 6.65 9.02 17.62
CA LEU A 225 7.33 9.96 16.70
C LEU A 225 7.44 9.24 15.37
N ALA A 226 6.80 9.77 14.33
CA ALA A 226 6.66 9.04 13.07
C ALA A 226 7.34 9.79 11.93
N LYS A 227 8.04 9.05 11.07
CA LYS A 227 8.77 9.60 9.96
C LYS A 227 8.29 8.86 8.69
N PHE A 228 7.86 9.63 7.71
CA PHE A 228 7.38 9.14 6.41
C PHE A 228 8.22 9.78 5.29
N ASP A 229 8.43 9.00 4.23
CA ASP A 229 9.22 9.48 3.06
C ASP A 229 8.43 9.14 1.79
N GLN A 230 7.90 10.17 1.14
CA GLN A 230 7.09 9.98 -0.05
C GLN A 230 7.88 9.40 -1.22
N ASP A 231 9.21 9.57 -1.22
CA ASP A 231 9.97 9.14 -2.38
C ASP A 231 10.40 7.67 -2.37
N SER A 232 10.38 7.03 -1.20
CA SER A 232 10.70 5.63 -1.02
C SER A 232 9.51 4.80 -0.48
N SER A 233 8.47 5.48 -0.01
CA SER A 233 7.33 4.85 0.72
C SER A 233 7.77 4.25 2.05
N LYS A 234 8.93 4.63 2.56
CA LYS A 234 9.37 4.14 3.88
C LYS A 234 8.71 4.92 5.00
N TYR A 235 8.36 4.20 6.06
CA TYR A 235 7.98 4.81 7.35
C TYR A 235 8.73 4.15 8.47
N GLU A 236 8.79 4.86 9.61
CA GLU A 236 9.30 4.25 10.82
C GLU A 236 8.69 4.98 12.00
N PHE A 237 8.39 4.20 13.02
CA PHE A 237 7.88 4.75 14.28
C PHE A 237 8.97 4.63 15.37
N PHE A 238 9.16 5.75 16.06
CA PHE A 238 10.14 5.87 17.14
C PHE A 238 9.39 6.19 18.46
N ASN A 239 10.01 5.79 19.57
CA ASN A 239 9.59 6.19 20.92
C ASN A 239 9.65 7.71 21.01
N LEU A 240 8.50 8.33 21.32
CA LEU A 240 8.42 9.79 21.29
C LEU A 240 9.37 10.42 22.29
N GLN A 241 9.48 9.76 23.43
CA GLN A 241 10.27 10.32 24.55
C GLN A 241 11.78 10.07 24.48
N THR A 242 12.20 8.98 23.81
CA THR A 242 13.62 8.61 23.74
C THR A 242 14.21 8.82 22.35
N GLY A 243 13.37 8.80 21.32
CA GLY A 243 13.81 8.94 19.94
C GLY A 243 14.32 7.65 19.31
N GLU A 244 14.28 6.57 20.08
CA GLU A 244 14.74 5.26 19.65
C GLU A 244 13.66 4.55 18.82
N THR A 245 14.09 3.73 17.86
CA THR A 245 13.10 3.00 17.05
C THR A 245 12.24 2.09 17.94
N ARG A 246 10.97 2.00 17.58
CA ARG A 246 10.08 1.01 18.14
C ARG A 246 10.20 -0.33 17.45
N GLY A 247 11.02 -0.42 16.41
CA GLY A 247 11.14 -1.66 15.64
C GLY A 247 9.96 -1.86 14.68
N ASP A 248 9.17 -0.82 14.48
CA ASP A 248 7.97 -0.84 13.64
C ASP A 248 8.31 0.09 12.49
N TYR A 249 8.61 -0.53 11.36
CA TYR A 249 9.07 0.18 10.16
C TYR A 249 8.72 -0.68 8.95
N GLY A 250 8.69 -0.05 7.77
CA GLY A 250 8.35 -0.74 6.51
C GLY A 250 7.85 0.25 5.52
N TYR A 251 6.74 -0.06 4.85
CA TYR A 251 6.27 0.70 3.74
C TYR A 251 4.84 1.15 3.98
N PHE A 252 4.54 2.36 3.56
CA PHE A 252 3.21 2.97 3.79
C PHE A 252 2.64 3.56 2.51
N LYS A 253 1.35 3.79 2.51
CA LYS A 253 0.59 4.42 1.43
C LYS A 253 -0.61 5.12 2.00
N VAL A 254 -0.83 6.37 1.60
CA VAL A 254 -2.09 7.06 1.80
C VAL A 254 -2.87 6.91 0.50
N GLY A 255 -4.04 6.31 0.55
CA GLY A 255 -4.80 6.05 -0.68
C GLY A 255 -6.27 6.34 -0.56
N ASN A 256 -6.97 6.01 -1.63
CA ASN A 256 -8.42 6.13 -1.73
C ASN A 256 -8.91 7.56 -1.49
N GLN A 257 -8.39 8.48 -2.35
CA GLN A 257 -8.69 9.92 -2.22
CA GLN A 257 -8.61 9.92 -2.24
CA GLN A 257 -8.73 9.90 -2.21
C GLN A 257 -8.35 10.37 -0.80
N ASN A 258 -7.19 9.95 -0.33
CA ASN A 258 -6.64 10.30 0.96
C ASN A 258 -7.50 9.91 2.14
N LYS A 259 -8.25 8.82 2.00
CA LYS A 259 -9.13 8.33 3.08
C LYS A 259 -8.58 7.20 3.94
N PHE A 260 -7.47 6.64 3.60
CA PHE A 260 -6.79 5.70 4.50
C PHE A 260 -5.29 5.86 4.45
N ARG A 261 -4.67 5.46 5.55
CA ARG A 261 -3.24 5.21 5.58
C ARG A 261 -3.03 3.74 5.85
N ALA A 262 -2.25 3.09 4.97
CA ALA A 262 -1.96 1.66 5.09
C ALA A 262 -0.49 1.51 5.28
N HIS A 263 -0.11 0.50 6.03
CA HIS A 263 1.30 0.18 6.16
C HIS A 263 1.54 -1.28 6.47
N VAL A 264 2.70 -1.74 6.03
CA VAL A 264 3.23 -3.05 6.36
C VAL A 264 4.50 -2.91 7.19
N SER A 265 4.49 -3.51 8.36
CA SER A 265 5.68 -3.57 9.21
C SER A 265 6.51 -4.80 8.86
N ILE A 266 7.79 -4.57 8.62
CA ILE A 266 8.72 -5.64 8.27
C ILE A 266 9.76 -5.81 9.39
N GLY A 267 9.49 -5.24 10.55
CA GLY A 267 10.39 -5.33 11.72
C GLY A 267 10.07 -6.38 12.78
N THR A 268 10.07 -5.98 14.04
CA THR A 268 10.04 -6.92 15.20
C THR A 268 8.63 -7.47 15.51
N ASN A 269 7.68 -7.08 14.67
CA ASN A 269 6.29 -7.53 14.80
C ASN A 269 5.67 -7.42 13.40
N ARG A 270 5.40 -8.55 12.75
CA ARG A 270 4.95 -8.52 11.35
C ARG A 270 3.45 -8.34 11.26
N TYR A 271 3.00 -7.19 10.78
CA TYR A 271 1.59 -6.92 10.69
C TYR A 271 1.35 -5.94 9.59
N GLY A 272 0.11 -5.80 9.21
CA GLY A 272 -0.34 -4.77 8.29
C GLY A 272 -1.52 -4.01 8.85
N ALA A 273 -1.62 -2.75 8.50
CA ALA A 273 -2.71 -1.90 8.98
C ALA A 273 -3.32 -1.13 7.82
N VAL A 274 -4.65 -1.02 7.80
CA VAL A 274 -5.36 -0.12 6.88
C VAL A 274 -6.25 0.73 7.77
N LEU A 275 -5.89 1.99 7.92
CA LEU A 275 -6.52 2.84 8.94
C LEU A 275 -7.19 4.00 8.26
N GLU A 276 -8.47 4.19 8.53
CA GLU A 276 -9.19 5.29 7.93
C GLU A 276 -8.70 6.62 8.47
N LEU A 277 -8.41 7.55 7.57
CA LEU A 277 -8.04 8.92 7.93
C LEU A 277 -9.31 9.76 8.11
N THR A 278 -9.37 10.50 9.20
CA THR A 278 -10.50 11.34 9.52
C THR A 278 -10.17 12.85 9.49
N GLU A 279 -8.88 13.15 9.45
CA GLU A 279 -8.38 14.52 9.23
C GLU A 279 -7.02 14.34 8.57
N LEU A 280 -6.73 15.18 7.60
CA LEU A 280 -5.41 15.17 6.92
C LEU A 280 -5.12 16.52 6.33
N ASN A 281 -4.13 17.20 6.89
CA ASN A 281 -3.70 18.50 6.39
C ASN A 281 -2.27 18.77 6.92
N ASP A 282 -1.71 19.92 6.58
CA ASP A 282 -0.33 20.19 6.99
C ASP A 282 -0.19 20.35 8.49
N ASN A 283 -1.29 20.65 9.20
CA ASN A 283 -1.19 20.85 10.64
C ASN A 283 -1.58 19.66 11.49
N ARG A 284 -2.21 18.66 10.88
CA ARG A 284 -2.77 17.55 11.64
C ARG A 284 -3.18 16.41 10.73
N PHE A 285 -2.85 15.19 11.18
CA PHE A 285 -3.55 14.04 10.62
C PHE A 285 -4.04 13.14 11.72
N THR A 286 -5.21 12.57 11.48
CA THR A 286 -5.89 11.74 12.45
C THR A 286 -6.37 10.47 11.76
N TYR A 287 -6.11 9.32 12.37
CA TYR A 287 -6.74 8.07 11.93
C TYR A 287 -7.60 7.49 13.01
N THR A 288 -8.49 6.58 12.62
CA THR A 288 -9.39 5.96 13.57
C THR A 288 -9.21 4.46 13.57
N ARG A 289 -9.39 3.86 14.73
CA ARG A 289 -9.36 2.38 14.91
C ARG A 289 -9.96 2.08 16.26
N MSE A 290 -10.12 0.80 16.57
CA MSE A 290 -10.57 0.41 17.89
C MSE A 290 -9.47 0.61 18.92
O MSE A 290 -8.31 0.35 18.66
CB MSE A 290 -11.10 -1.03 17.96
CG MSE A 290 -12.34 -1.22 17.08
SE MSE A 290 -13.90 -0.27 17.82
CE MSE A 290 -13.85 -1.14 19.53
N GLY A 291 -9.85 1.15 20.05
CA GLY A 291 -8.96 1.31 21.21
C GLY A 291 -9.72 1.12 22.51
N LYS A 292 -9.22 1.77 23.54
CA LYS A 292 -9.69 1.59 24.88
CA LYS A 292 -9.74 1.58 24.88
C LYS A 292 -10.17 2.89 25.51
N ASP A 293 -11.10 2.76 26.46
CA ASP A 293 -11.34 3.86 27.39
C ASP A 293 -10.63 3.55 28.72
N ASN A 294 -10.72 4.43 29.71
CA ASN A 294 -9.99 4.17 30.98
C ASN A 294 -10.52 3.04 31.85
N GLU A 295 -11.75 2.66 31.60
CA GLU A 295 -12.33 1.53 32.27
C GLU A 295 -11.98 0.24 31.55
N GLY A 296 -11.22 0.32 30.45
CA GLY A 296 -10.79 -0.87 29.69
C GLY A 296 -11.82 -1.41 28.72
N ASN A 297 -12.87 -0.63 28.46
CA ASN A 297 -13.84 -1.02 27.42
C ASN A 297 -13.28 -0.74 26.05
N ASP A 298 -13.70 -1.54 25.08
CA ASP A 298 -13.33 -1.38 23.70
C ASP A 298 -14.22 -0.36 22.97
N ILE A 299 -13.60 0.74 22.53
CA ILE A 299 -14.33 1.87 21.93
C ILE A 299 -13.61 2.31 20.68
N GLN A 300 -14.30 2.99 19.78
CA GLN A 300 -13.65 3.61 18.68
C GLN A 300 -12.81 4.80 19.14
N VAL A 301 -11.56 4.91 18.67
CA VAL A 301 -10.72 6.03 19.03
C VAL A 301 -10.13 6.72 17.79
N TYR A 302 -9.56 7.88 18.02
CA TYR A 302 -9.09 8.75 16.98
C TYR A 302 -7.72 9.24 17.45
N VAL A 303 -6.68 8.91 16.69
CA VAL A 303 -5.31 9.17 17.11
C VAL A 303 -4.81 10.37 16.32
N GLU A 304 -4.72 11.51 17.01
CA GLU A 304 -4.30 12.77 16.40
C GLU A 304 -2.79 12.90 16.37
N HIS A 305 -2.30 13.54 15.30
CA HIS A 305 -0.86 13.79 15.07
C HIS A 305 -0.66 15.21 14.61
N GLU A 306 0.42 15.83 15.07
CA GLU A 306 0.80 17.18 14.65
C GLU A 306 2.30 17.18 14.32
N PRO A 307 2.75 18.21 13.60
CA PRO A 307 4.17 18.31 13.27
C PRO A 307 4.99 18.34 14.55
N TYR A 308 6.06 17.59 14.55
CA TYR A 308 6.89 17.40 15.73
C TYR A 308 7.74 18.63 15.99
N GLN A 309 7.68 19.08 17.23
CA GLN A 309 8.35 20.31 17.66
C GLN A 309 9.56 20.04 18.53
N GLY A 310 9.89 18.77 18.76
CA GLY A 310 10.97 18.36 19.64
C GLY A 310 12.33 18.40 18.94
N THR A 311 13.35 17.92 19.63
CA THR A 311 14.72 18.03 19.15
C THR A 311 15.24 16.79 18.43
N PHE A 312 14.54 15.65 18.54
CA PHE A 312 15.03 14.44 17.85
C PHE A 312 14.90 14.59 16.35
N ASN A 313 15.84 14.03 15.61
CA ASN A 313 15.77 13.99 14.17
C ASN A 313 16.29 12.65 13.73
N PRO A 314 15.51 11.60 13.96
CA PRO A 314 16.03 10.26 13.75
C PRO A 314 16.15 9.85 12.29
N GLU A 315 17.19 9.08 12.00
CA GLU A 315 17.35 8.47 10.68
C GLU A 315 16.57 7.17 10.63
N PHE A 316 16.11 6.80 9.46
CA PHE A 316 15.59 5.44 9.26
C PHE A 316 16.66 4.43 9.67
N THR A 317 16.23 3.35 10.32
CA THR A 317 17.14 2.30 10.76
C THR A 317 17.24 1.11 9.80
N PHE A 318 16.66 1.28 8.61
CA PHE A 318 16.60 0.26 7.59
C PHE A 318 16.67 0.96 6.24
O1 UNL B . 0.16 -12.45 -2.41
O2 UNL B . -0.52 -14.53 -2.35
O3 UNL B . 0.86 -15.46 -3.47
O4 UNL B . 0.72 -12.09 -4.54
O5 UNL B . 0.54 -13.94 -4.19
S SO4 C . 15.22 -7.10 -1.02
O1 SO4 C . 14.26 -8.04 -0.40
O2 SO4 C . 14.47 -6.15 -1.88
O3 SO4 C . 15.96 -6.41 0.06
O4 SO4 C . 16.15 -7.83 -1.92
S SO4 D . 3.91 0.16 -20.92
O1 SO4 D . 4.23 -0.63 -19.68
O2 SO4 D . 3.02 1.28 -20.46
O3 SO4 D . 5.09 0.78 -21.54
O4 SO4 D . 3.11 -0.69 -21.80
S SO4 E . 7.21 -21.94 -22.48
O1 SO4 E . 8.40 -22.71 -22.91
O2 SO4 E . 6.11 -22.88 -22.16
O3 SO4 E . 7.55 -21.15 -21.29
O4 SO4 E . 6.73 -21.02 -23.55
S SO4 F . 20.27 -10.11 -11.99
O1 SO4 F . 19.18 -9.53 -11.20
O2 SO4 F . 19.78 -10.80 -13.20
O3 SO4 F . 21.16 -9.00 -12.45
O4 SO4 F . 20.98 -11.07 -11.12
S SO4 G . -12.87 -2.94 -21.38
O1 SO4 G . -12.95 -2.41 -19.99
O2 SO4 G . -13.29 -4.37 -21.46
O3 SO4 G . -13.77 -2.15 -22.25
O4 SO4 G . -11.49 -2.79 -21.87
S SO4 H . 8.68 1.34 22.52
O1 SO4 H . 7.50 1.93 23.12
O2 SO4 H . 8.25 0.52 21.35
O3 SO4 H . 9.64 2.38 22.02
O4 SO4 H . 9.44 0.44 23.45
S SO4 I . 6.51 4.63 -15.15
O1 SO4 I . 5.34 3.74 -15.33
O2 SO4 I . 6.62 5.58 -16.28
O3 SO4 I . 6.38 5.39 -13.88
O4 SO4 I . 7.77 3.85 -15.08
#